data_5MWG
#
_entry.id   5MWG
#
_cell.length_a   48.586
_cell.length_b   61.089
_cell.length_c   48.590
_cell.angle_alpha   90.00
_cell.angle_beta   101.63
_cell.angle_gamma   90.00
#
_symmetry.space_group_name_H-M   'P 1 21 1'
#
loop_
_entity.id
_entity.type
_entity.pdbx_description
1 polymer Peregrin
2 non-polymer ~{N}-[1,4-dimethyl-2,3-bis(oxidanylidene)-7-piperidin-1-yl-quinoxalin-6-yl]-5,6,7,8-tetrahydronaphthalene-2-sulfonamide
3 non-polymer 'NITRATE ION'
4 water water
#
_entity_poly.entity_id   1
_entity_poly.type   'polypeptide(L)'
_entity_poly.pdbx_seq_one_letter_code
;SMEMQLTPFLILLRKTLEQLQEKDTGNIFSEPVPLSEVPDYLDHIKKPMDFFTMKQNLEAYRYLNFDDFEEDFNLIVSNC
LKYNAKDTIFYRAAVRLREQGGAVLRQARRQAEKMG
;
_entity_poly.pdbx_strand_id   A,B
#
loop_
_chem_comp.id
_chem_comp.type
_chem_comp.name
_chem_comp.formula
NO3 non-polymer 'NITRATE ION' 'N O3 -1'
WGX non-polymer ~{N}-[1,4-dimethyl-2,3-bis(oxidanylidene)-7-piperidin-1-yl-quinoxalin-6-yl]-5,6,7,8-tetrahydronaphthalene-2-sulfonamide 'C25 H30 N4 O4 S'
#
# COMPACT_ATOMS: atom_id res chain seq x y z
N LEU A 6 28.77 7.29 -4.11
CA LEU A 6 27.43 7.02 -4.63
C LEU A 6 27.25 5.54 -4.90
N THR A 7 26.02 5.06 -4.82
CA THR A 7 25.73 3.70 -5.28
C THR A 7 24.54 3.73 -6.23
N PRO A 8 24.45 2.77 -7.14
CA PRO A 8 23.30 2.78 -8.06
C PRO A 8 21.97 2.72 -7.35
N PHE A 9 21.91 1.97 -6.25
CA PHE A 9 20.65 1.86 -5.51
C PHE A 9 20.26 3.19 -4.88
N LEU A 10 21.21 3.89 -4.26
CA LEU A 10 20.87 5.15 -3.61
C LEU A 10 20.53 6.21 -4.62
N ILE A 11 21.15 6.17 -5.80
CA ILE A 11 20.79 7.10 -6.87
C ILE A 11 19.37 6.84 -7.33
N LEU A 12 19.00 5.56 -7.45
CA LEU A 12 17.63 5.22 -7.81
C LEU A 12 16.64 5.70 -6.76
N LEU A 13 16.98 5.56 -5.48
CA LEU A 13 16.07 6.06 -4.44
C LEU A 13 15.92 7.56 -4.51
N ARG A 14 17.01 8.28 -4.83
CA ARG A 14 16.94 9.74 -4.98
C ARG A 14 15.99 10.12 -6.10
N LYS A 15 16.13 9.46 -7.25
CA LYS A 15 15.25 9.73 -8.37
C LYS A 15 13.81 9.41 -8.02
N THR A 16 13.59 8.25 -7.40
CA THR A 16 12.25 7.84 -7.01
C THR A 16 11.62 8.83 -6.03
N LEU A 17 12.39 9.28 -5.05
CA LEU A 17 11.85 10.24 -4.08
C LEU A 17 11.45 11.55 -4.76
N GLU A 18 12.26 12.03 -5.70
CA GLU A 18 11.87 13.21 -6.47
C GLU A 18 10.58 12.96 -7.24
N GLN A 19 10.44 11.79 -7.85
CA GLN A 19 9.24 11.50 -8.62
C GLN A 19 8.01 11.45 -7.73
N LEU A 20 8.14 10.92 -6.52
CA LEU A 20 7.00 10.89 -5.60
C LEU A 20 6.62 12.29 -5.15
N GLN A 21 7.62 13.13 -4.84
CA GLN A 21 7.35 14.49 -4.40
C GLN A 21 6.68 15.31 -5.50
N GLU A 22 7.03 15.03 -6.76
CA GLU A 22 6.38 15.73 -7.87
C GLU A 22 4.87 15.49 -7.88
N LYS A 23 4.43 14.32 -7.42
CA LYS A 23 3.00 14.03 -7.37
C LYS A 23 2.29 14.82 -6.29
N ASP A 24 3.01 15.29 -5.28
CA ASP A 24 2.44 16.09 -4.19
C ASP A 24 2.46 17.54 -4.65
N THR A 25 1.52 17.86 -5.55
CA THR A 25 1.51 19.18 -6.19
C THR A 25 1.26 20.30 -5.19
N GLY A 26 0.60 20.03 -4.07
CA GLY A 26 0.43 21.06 -3.07
C GLY A 26 1.58 21.24 -2.11
N ASN A 27 2.60 20.38 -2.21
CA ASN A 27 3.73 20.31 -1.29
C ASN A 27 3.27 20.13 0.17
N ILE A 28 2.09 19.52 0.38
CA ILE A 28 1.60 19.43 1.74
C ILE A 28 2.28 18.33 2.54
N PHE A 29 2.97 17.40 1.88
CA PHE A 29 3.72 16.37 2.59
C PHE A 29 5.22 16.62 2.56
N SER A 30 5.65 17.84 2.22
N SER A 30 5.65 17.84 2.22
CA SER A 30 7.06 18.12 2.05
CA SER A 30 7.06 18.12 2.05
C SER A 30 7.81 18.16 3.37
C SER A 30 7.81 18.13 3.38
N GLU A 31 7.15 18.53 4.46
CA GLU A 31 7.78 18.69 5.76
C GLU A 31 6.90 18.07 6.84
N PRO A 32 7.45 17.82 8.02
CA PRO A 32 6.63 17.28 9.11
C PRO A 32 5.34 18.05 9.32
N VAL A 33 4.25 17.33 9.57
CA VAL A 33 2.99 17.94 9.99
C VAL A 33 3.31 18.84 11.17
N PRO A 34 2.95 20.12 11.13
CA PRO A 34 3.39 21.06 12.17
C PRO A 34 2.72 20.82 13.51
N LEU A 35 3.48 20.31 14.49
CA LEU A 35 2.89 19.99 15.78
C LEU A 35 2.37 21.22 16.51
N SER A 36 2.91 22.40 16.20
CA SER A 36 2.41 23.63 16.81
C SER A 36 0.99 23.95 16.37
N GLU A 37 0.63 23.59 15.13
CA GLU A 37 -0.74 23.80 14.66
C GLU A 37 -1.65 22.65 15.02
N VAL A 38 -1.08 21.46 15.23
CA VAL A 38 -1.81 20.23 15.42
C VAL A 38 -1.29 19.58 16.70
N PRO A 39 -1.61 20.10 17.89
CA PRO A 39 -0.93 19.64 19.11
C PRO A 39 -1.31 18.24 19.55
N ASP A 40 -2.41 17.67 19.04
CA ASP A 40 -2.81 16.32 19.37
C ASP A 40 -2.35 15.29 18.34
N TYR A 41 -1.54 15.71 17.37
CA TYR A 41 -1.18 14.81 16.28
C TYR A 41 -0.51 13.54 16.80
N LEU A 42 0.39 13.68 17.76
CA LEU A 42 1.11 12.52 18.30
C LEU A 42 0.23 11.66 19.19
N ASP A 43 -0.92 12.17 19.64
CA ASP A 43 -1.89 11.33 20.33
C ASP A 43 -2.31 10.17 19.45
N HIS A 44 -2.41 10.41 18.14
CA HIS A 44 -2.97 9.47 17.19
C HIS A 44 -1.94 8.80 16.30
N ILE A 45 -0.86 9.49 15.98
CA ILE A 45 0.09 9.03 14.97
C ILE A 45 1.36 8.60 15.66
N LYS A 46 1.67 7.29 15.56
CA LYS A 46 2.83 6.72 16.24
C LYS A 46 4.14 7.23 15.65
N LYS A 47 4.24 7.29 14.32
CA LYS A 47 5.50 7.59 13.65
C LYS A 47 5.23 8.53 12.49
N PRO A 48 5.32 9.83 12.74
CA PRO A 48 5.12 10.81 11.67
C PRO A 48 6.13 10.60 10.56
N MET A 49 5.72 10.97 9.34
CA MET A 49 6.63 10.89 8.20
C MET A 49 6.26 11.95 7.18
N ASP A 50 7.25 12.31 6.36
CA ASP A 50 7.13 13.38 5.38
C ASP A 50 8.32 13.26 4.46
N PHE A 51 8.26 13.98 3.34
CA PHE A 51 9.29 13.83 2.32
C PHE A 51 10.65 14.37 2.75
N PHE A 52 10.70 15.41 3.58
CA PHE A 52 12.00 15.91 4.04
C PHE A 52 12.67 14.88 4.93
N THR A 53 11.93 14.31 5.87
CA THR A 53 12.49 13.25 6.71
C THR A 53 12.96 12.06 5.89
N MET A 54 12.21 11.69 4.85
CA MET A 54 12.66 10.62 3.96
C MET A 54 13.98 10.97 3.29
N LYS A 55 14.11 12.20 2.79
CA LYS A 55 15.37 12.60 2.15
C LYS A 55 16.51 12.53 3.15
N GLN A 56 16.25 12.98 4.39
CA GLN A 56 17.28 12.93 5.42
C GLN A 56 17.68 11.48 5.72
N ASN A 57 16.68 10.59 5.81
CA ASN A 57 16.96 9.17 5.99
C ASN A 57 17.79 8.62 4.85
N LEU A 58 17.44 8.99 3.61
CA LEU A 58 18.15 8.50 2.44
C LEU A 58 19.60 8.92 2.49
N GLU A 59 19.84 10.22 2.68
CA GLU A 59 21.20 10.76 2.70
C GLU A 59 21.99 10.26 3.90
N ALA A 60 21.31 9.77 4.94
CA ALA A 60 21.99 9.21 6.10
C ALA A 60 22.16 7.70 6.00
N TYR A 61 21.86 7.10 4.84
CA TYR A 61 22.04 5.67 4.56
C TYR A 61 21.13 4.79 5.41
N ARG A 62 19.98 5.31 5.77
CA ARG A 62 19.04 4.50 6.54
C ARG A 62 18.10 3.68 5.67
N TYR A 63 18.14 3.87 4.34
CA TYR A 63 17.47 3.00 3.39
C TYR A 63 18.50 2.24 2.56
N LEU A 64 18.75 0.99 2.94
CA LEU A 64 19.62 0.08 2.19
C LEU A 64 18.83 -0.89 1.33
N ASN A 65 17.50 -0.92 1.49
CA ASN A 65 16.66 -1.77 0.66
C ASN A 65 15.41 -0.99 0.32
N PHE A 66 14.76 -1.45 -0.74
CA PHE A 66 13.64 -0.69 -1.27
C PHE A 66 12.44 -0.73 -0.32
N ASP A 67 12.26 -1.84 0.40
CA ASP A 67 11.09 -1.98 1.27
C ASP A 67 11.07 -0.93 2.35
N ASP A 68 12.21 -0.66 2.97
CA ASP A 68 12.23 0.32 4.05
C ASP A 68 11.86 1.70 3.53
N PHE A 69 12.31 2.02 2.31
CA PHE A 69 11.97 3.28 1.68
C PHE A 69 10.48 3.33 1.34
N GLU A 70 9.96 2.27 0.72
CA GLU A 70 8.56 2.33 0.29
C GLU A 70 7.63 2.35 1.50
N GLU A 71 7.99 1.67 2.59
CA GLU A 71 7.16 1.69 3.78
C GLU A 71 7.04 3.10 4.36
N ASP A 72 8.10 3.91 4.26
CA ASP A 72 8.00 5.28 4.76
C ASP A 72 7.10 6.13 3.87
N PHE A 73 7.15 5.94 2.55
CA PHE A 73 6.18 6.60 1.68
C PHE A 73 4.76 6.22 2.06
N ASN A 74 4.52 4.92 2.24
CA ASN A 74 3.18 4.46 2.60
C ASN A 74 2.75 5.05 3.94
N LEU A 75 3.70 5.34 4.82
CA LEU A 75 3.39 5.93 6.11
C LEU A 75 2.94 7.39 5.96
N ILE A 76 3.50 8.12 5.00
CA ILE A 76 3.02 9.48 4.74
C ILE A 76 1.54 9.43 4.41
N VAL A 77 1.17 8.49 3.54
CA VAL A 77 -0.23 8.34 3.14
C VAL A 77 -1.08 7.86 4.32
N SER A 78 -0.68 6.76 4.96
N SER A 78 -0.66 6.77 4.97
CA SER A 78 -1.57 6.15 5.96
CA SER A 78 -1.54 6.14 5.97
C SER A 78 -1.73 7.03 7.19
C SER A 78 -1.73 7.03 7.18
N ASN A 79 -0.69 7.76 7.60
CA ASN A 79 -0.83 8.69 8.72
C ASN A 79 -1.87 9.75 8.40
N CYS A 80 -1.87 10.23 7.16
CA CYS A 80 -2.80 11.28 6.75
C CYS A 80 -4.23 10.78 6.71
N LEU A 81 -4.43 9.59 6.12
CA LEU A 81 -5.78 9.01 6.12
C LEU A 81 -6.26 8.76 7.54
N LYS A 82 -5.36 8.39 8.44
CA LYS A 82 -5.77 8.09 9.81
C LYS A 82 -6.19 9.36 10.54
N TYR A 83 -5.36 10.41 10.46
CA TYR A 83 -5.59 11.59 11.27
C TYR A 83 -6.79 12.40 10.79
N ASN A 84 -6.99 12.46 9.47
CA ASN A 84 -7.92 13.43 8.89
C ASN A 84 -9.24 12.79 8.49
N ALA A 85 -10.32 13.54 8.66
CA ALA A 85 -11.61 13.07 8.18
C ALA A 85 -11.60 12.93 6.66
N LYS A 86 -12.47 12.06 6.15
CA LYS A 86 -12.48 11.78 4.72
C LYS A 86 -12.76 13.04 3.93
N ASP A 87 -13.66 13.90 4.42
CA ASP A 87 -14.03 15.14 3.78
C ASP A 87 -13.06 16.26 4.17
N THR A 88 -11.80 16.07 3.80
CA THR A 88 -10.80 17.11 3.98
C THR A 88 -9.89 17.14 2.76
N ILE A 89 -9.26 18.30 2.56
CA ILE A 89 -8.26 18.43 1.50
C ILE A 89 -7.12 17.45 1.74
N PHE A 90 -6.72 17.25 3.01
CA PHE A 90 -5.58 16.38 3.28
C PHE A 90 -5.88 14.93 2.94
N TYR A 91 -7.03 14.42 3.41
CA TYR A 91 -7.39 13.04 3.09
C TYR A 91 -7.47 12.83 1.59
N ARG A 92 -8.13 13.74 0.88
CA ARG A 92 -8.27 13.58 -0.57
C ARG A 92 -6.91 13.62 -1.25
N ALA A 93 -6.00 14.47 -0.76
CA ALA A 93 -4.67 14.54 -1.33
C ALA A 93 -3.87 13.28 -1.05
N ALA A 94 -4.05 12.68 0.14
CA ALA A 94 -3.33 11.46 0.44
C ALA A 94 -3.79 10.31 -0.43
N VAL A 95 -5.10 10.24 -0.71
CA VAL A 95 -5.61 9.21 -1.61
C VAL A 95 -5.01 9.37 -3.00
N ARG A 96 -4.96 10.61 -3.50
CA ARG A 96 -4.39 10.82 -4.83
C ARG A 96 -2.89 10.50 -4.85
N LEU A 97 -2.19 10.81 -3.76
CA LEU A 97 -0.77 10.51 -3.69
C LEU A 97 -0.53 9.00 -3.66
N ARG A 98 -1.38 8.27 -2.93
CA ARG A 98 -1.30 6.81 -2.94
C ARG A 98 -1.48 6.25 -4.35
N GLU A 99 -2.46 6.75 -5.09
CA GLU A 99 -2.71 6.25 -6.43
C GLU A 99 -1.58 6.61 -7.39
N GLN A 100 -1.19 7.88 -7.42
CA GLN A 100 -0.14 8.31 -8.35
C GLN A 100 1.23 7.79 -7.95
N GLY A 101 1.47 7.63 -6.64
CA GLY A 101 2.76 7.13 -6.20
C GLY A 101 2.94 5.64 -6.42
N GLY A 102 1.85 4.87 -6.34
CA GLY A 102 1.96 3.44 -6.57
C GLY A 102 2.61 3.11 -7.90
N ALA A 103 2.24 3.84 -8.95
CA ALA A 103 2.85 3.55 -10.25
C ALA A 103 4.33 3.90 -10.24
N VAL A 104 4.71 4.99 -9.58
CA VAL A 104 6.12 5.36 -9.47
C VAL A 104 6.88 4.27 -8.75
N LEU A 105 6.33 3.78 -7.64
CA LEU A 105 7.02 2.77 -6.84
C LEU A 105 7.09 1.43 -7.54
N ARG A 106 6.07 1.08 -8.32
CA ARG A 106 6.08 -0.19 -9.04
C ARG A 106 7.22 -0.22 -10.06
N GLN A 107 7.36 0.84 -10.86
CA GLN A 107 8.43 0.88 -11.83
C GLN A 107 9.79 0.94 -11.15
N ALA A 108 9.90 1.71 -10.06
CA ALA A 108 11.19 1.86 -9.39
C ALA A 108 11.60 0.57 -8.70
N ARG A 109 10.65 -0.14 -8.08
CA ARG A 109 11.01 -1.40 -7.46
C ARG A 109 11.47 -2.43 -8.49
N ARG A 110 10.89 -2.40 -9.69
CA ARG A 110 11.36 -3.31 -10.73
C ARG A 110 12.79 -3.02 -11.15
N GLN A 111 13.29 -1.81 -10.87
N GLN A 111 13.29 -1.82 -10.85
CA GLN A 111 14.69 -1.48 -11.14
CA GLN A 111 14.69 -1.49 -11.15
C GLN A 111 15.60 -2.02 -10.06
C GLN A 111 15.65 -1.94 -10.06
N ALA A 112 15.24 -1.79 -8.79
CA ALA A 112 16.10 -2.17 -7.68
C ALA A 112 16.25 -3.69 -7.57
N GLU A 113 15.25 -4.44 -8.02
CA GLU A 113 15.30 -5.89 -7.88
C GLU A 113 16.27 -6.52 -8.88
N LYS A 114 16.27 -6.05 -10.13
CA LYS A 114 17.22 -6.54 -11.12
C LYS A 114 18.56 -5.84 -11.04
N MET A 115 18.79 -5.06 -9.98
CA MET A 115 20.07 -4.42 -9.73
C MET A 115 21.09 -5.49 -9.36
N MET B 4 -3.84 -24.57 -11.41
CA MET B 4 -3.10 -25.31 -10.39
C MET B 4 -1.82 -25.90 -10.95
N GLN B 5 -1.25 -25.28 -11.97
CA GLN B 5 0.08 -25.65 -12.42
C GLN B 5 1.07 -25.37 -11.29
N LEU B 6 2.05 -26.25 -11.10
CA LEU B 6 2.98 -26.12 -9.98
C LEU B 6 4.31 -25.53 -10.45
N THR B 7 4.62 -24.33 -9.98
CA THR B 7 5.92 -23.70 -10.10
C THR B 7 6.24 -23.11 -8.73
N PRO B 8 7.51 -22.86 -8.44
CA PRO B 8 7.82 -22.28 -7.12
C PRO B 8 7.15 -20.93 -6.91
N PHE B 9 7.02 -20.12 -7.97
CA PHE B 9 6.37 -18.82 -7.84
C PHE B 9 4.89 -18.97 -7.53
N LEU B 10 4.20 -19.88 -8.22
CA LEU B 10 2.77 -20.04 -7.96
C LEU B 10 2.54 -20.62 -6.58
N ILE B 11 3.43 -21.52 -6.12
CA ILE B 11 3.29 -22.07 -4.78
C ILE B 11 3.47 -20.98 -3.74
N LEU B 12 4.45 -20.09 -3.95
CA LEU B 12 4.65 -18.95 -3.06
C LEU B 12 3.42 -18.04 -3.02
N LEU B 13 2.83 -17.78 -4.18
CA LEU B 13 1.61 -16.96 -4.19
C LEU B 13 0.49 -17.65 -3.43
N ARG B 14 0.34 -18.97 -3.61
N ARG B 14 0.34 -18.97 -3.60
CA ARG B 14 -0.68 -19.71 -2.88
CA ARG B 14 -0.71 -19.69 -2.87
C ARG B 14 -0.49 -19.60 -1.38
C ARG B 14 -0.49 -19.59 -1.37
N LYS B 15 0.76 -19.75 -0.91
CA LYS B 15 1.05 -19.64 0.51
C LYS B 15 0.78 -18.22 1.00
N THR B 16 1.18 -17.23 0.21
CA THR B 16 0.98 -15.84 0.59
C THR B 16 -0.50 -15.48 0.67
N LEU B 17 -1.28 -15.91 -0.32
CA LEU B 17 -2.72 -15.66 -0.29
C LEU B 17 -3.35 -16.26 0.95
N GLU B 18 -2.93 -17.47 1.33
CA GLU B 18 -3.48 -18.06 2.54
C GLU B 18 -3.11 -17.24 3.76
N GLN B 19 -1.88 -16.75 3.82
CA GLN B 19 -1.44 -15.95 4.96
C GLN B 19 -2.22 -14.64 5.05
N LEU B 20 -2.51 -14.03 3.90
CA LEU B 20 -3.32 -12.81 3.94
C LEU B 20 -4.74 -13.10 4.40
N GLN B 21 -5.34 -14.17 3.88
CA GLN B 21 -6.71 -14.51 4.28
C GLN B 21 -6.82 -14.83 5.76
N GLU B 22 -5.75 -15.41 6.32
CA GLU B 22 -5.72 -15.68 7.76
C GLU B 22 -5.90 -14.39 8.56
N LYS B 23 -5.43 -13.26 8.03
CA LYS B 23 -5.58 -12.00 8.74
C LYS B 23 -7.01 -11.48 8.73
N ASP B 24 -7.81 -11.91 7.77
CA ASP B 24 -9.24 -11.55 7.67
C ASP B 24 -10.04 -12.57 8.46
N THR B 25 -10.00 -12.45 9.79
CA THR B 25 -10.60 -13.47 10.62
C THR B 25 -12.12 -13.49 10.53
N GLY B 26 -12.74 -12.37 10.13
CA GLY B 26 -14.16 -12.32 9.91
C GLY B 26 -14.62 -12.80 8.56
N ASN B 27 -13.66 -13.12 7.69
CA ASN B 27 -13.92 -13.57 6.32
C ASN B 27 -14.71 -12.54 5.53
N ILE B 28 -14.57 -11.25 5.89
CA ILE B 28 -15.41 -10.26 5.24
C ILE B 28 -14.92 -9.91 3.85
N PHE B 29 -13.65 -10.19 3.53
CA PHE B 29 -13.11 -9.95 2.21
C PHE B 29 -13.02 -11.23 1.38
N SER B 30 -13.67 -12.30 1.82
CA SER B 30 -13.46 -13.61 1.19
C SER B 30 -14.11 -13.69 -0.18
N GLU B 31 -15.21 -12.98 -0.40
CA GLU B 31 -15.99 -13.03 -1.63
C GLU B 31 -16.30 -11.62 -2.07
N PRO B 32 -16.70 -11.40 -3.32
CA PRO B 32 -17.03 -10.05 -3.78
C PRO B 32 -18.08 -9.40 -2.90
N VAL B 33 -17.91 -8.11 -2.67
CA VAL B 33 -18.90 -7.31 -1.96
C VAL B 33 -20.24 -7.56 -2.66
N PRO B 34 -21.28 -7.93 -1.91
CA PRO B 34 -22.52 -8.36 -2.56
C PRO B 34 -23.34 -7.22 -3.15
N LEU B 35 -23.35 -7.12 -4.48
CA LEU B 35 -24.07 -6.03 -5.14
C LEU B 35 -25.57 -6.06 -4.86
N SER B 36 -26.13 -7.21 -4.51
CA SER B 36 -27.52 -7.26 -4.10
C SER B 36 -27.75 -6.49 -2.80
N GLU B 37 -26.84 -6.65 -1.84
CA GLU B 37 -26.95 -5.95 -0.58
C GLU B 37 -26.49 -4.50 -0.67
N VAL B 38 -25.67 -4.16 -1.66
CA VAL B 38 -25.19 -2.79 -1.83
C VAL B 38 -25.30 -2.41 -3.30
N PRO B 39 -26.49 -2.05 -3.77
CA PRO B 39 -26.69 -1.77 -5.20
C PRO B 39 -25.85 -0.64 -5.75
N ASP B 40 -25.38 0.29 -4.93
CA ASP B 40 -24.64 1.46 -5.41
C ASP B 40 -23.14 1.27 -5.35
N TYR B 41 -22.67 0.06 -5.08
CA TYR B 41 -21.23 -0.15 -4.84
C TYR B 41 -20.41 0.20 -6.07
N LEU B 42 -20.85 -0.24 -7.25
CA LEU B 42 -20.07 -0.05 -8.47
C LEU B 42 -20.08 1.39 -8.95
N ASP B 43 -20.96 2.24 -8.44
CA ASP B 43 -20.93 3.65 -8.79
C ASP B 43 -19.69 4.34 -8.25
N HIS B 44 -19.10 3.81 -7.19
CA HIS B 44 -17.92 4.39 -6.56
C HIS B 44 -16.64 3.59 -6.79
N ILE B 45 -16.76 2.29 -7.06
CA ILE B 45 -15.62 1.37 -7.05
C ILE B 45 -15.45 0.83 -8.47
N LYS B 46 -14.35 1.24 -9.13
CA LYS B 46 -14.12 0.88 -10.52
C LYS B 46 -13.79 -0.60 -10.68
N LYS B 47 -12.94 -1.14 -9.81
CA LYS B 47 -12.48 -2.52 -9.92
C LYS B 47 -12.62 -3.20 -8.56
N PRO B 48 -13.78 -3.79 -8.28
CA PRO B 48 -13.94 -4.55 -7.04
C PRO B 48 -12.93 -5.67 -6.96
N MET B 49 -12.58 -6.05 -5.73
CA MET B 49 -11.63 -7.13 -5.53
C MET B 49 -11.95 -7.83 -4.21
N ASP B 50 -11.56 -9.09 -4.14
CA ASP B 50 -11.79 -9.93 -2.97
C ASP B 50 -10.85 -11.12 -3.06
N PHE B 51 -10.79 -11.88 -1.96
CA PHE B 51 -9.82 -12.98 -1.91
C PHE B 51 -10.20 -14.13 -2.82
N PHE B 52 -11.50 -14.38 -3.05
CA PHE B 52 -11.84 -15.46 -3.97
C PHE B 52 -11.42 -15.12 -5.41
N THR B 53 -11.72 -13.89 -5.85
CA THR B 53 -11.29 -13.45 -7.18
C THR B 53 -9.78 -13.56 -7.32
N MET B 54 -9.04 -13.22 -6.26
CA MET B 54 -7.59 -13.39 -6.29
C MET B 54 -7.22 -14.86 -6.43
N LYS B 55 -7.89 -15.73 -5.69
CA LYS B 55 -7.62 -17.17 -5.78
C LYS B 55 -7.85 -17.69 -7.19
N GLN B 56 -8.92 -17.26 -7.84
CA GLN B 56 -9.21 -17.74 -9.18
C GLN B 56 -8.19 -17.23 -10.19
N ASN B 57 -7.80 -15.95 -10.07
CA ASN B 57 -6.71 -15.42 -10.86
C ASN B 57 -5.45 -16.23 -10.66
N LEU B 58 -5.13 -16.53 -9.41
CA LEU B 58 -3.91 -17.25 -9.07
C LEU B 58 -3.92 -18.64 -9.68
N GLU B 59 -4.99 -19.39 -9.42
CA GLU B 59 -5.05 -20.79 -9.86
C GLU B 59 -5.23 -20.91 -11.37
N ALA B 60 -5.70 -19.87 -12.05
CA ALA B 60 -5.74 -19.85 -13.51
C ALA B 60 -4.40 -19.45 -14.12
N TYR B 61 -3.37 -19.21 -13.29
CA TYR B 61 -2.08 -18.72 -13.75
C TYR B 61 -2.26 -17.42 -14.52
N ARG B 62 -2.92 -16.44 -13.87
CA ARG B 62 -3.05 -15.10 -14.40
C ARG B 62 -2.24 -14.07 -13.63
N TYR B 63 -1.69 -14.43 -12.47
CA TYR B 63 -0.67 -13.61 -11.84
C TYR B 63 0.68 -14.12 -12.31
N LEU B 64 1.38 -13.31 -13.10
CA LEU B 64 2.66 -13.67 -13.67
C LEU B 64 3.83 -13.01 -12.96
N ASN B 65 3.56 -12.05 -12.09
CA ASN B 65 4.60 -11.36 -11.33
C ASN B 65 4.02 -11.03 -9.97
N PHE B 66 4.91 -10.88 -8.99
CA PHE B 66 4.43 -10.60 -7.64
C PHE B 66 3.67 -9.27 -7.59
N ASP B 67 4.11 -8.29 -8.39
CA ASP B 67 3.49 -6.95 -8.42
C ASP B 67 2.00 -7.00 -8.63
N ASP B 68 1.57 -7.75 -9.64
CA ASP B 68 0.17 -7.78 -10.00
C ASP B 68 -0.66 -8.44 -8.93
N PHE B 69 -0.09 -9.43 -8.25
CA PHE B 69 -0.76 -10.06 -7.12
C PHE B 69 -0.91 -9.08 -5.97
N GLU B 70 0.16 -8.37 -5.66
CA GLU B 70 0.14 -7.44 -4.53
C GLU B 70 -0.83 -6.29 -4.79
N GLU B 71 -0.89 -5.84 -6.04
CA GLU B 71 -1.80 -4.74 -6.37
C GLU B 71 -3.25 -5.13 -6.14
N ASP B 72 -3.61 -6.38 -6.43
CA ASP B 72 -5.00 -6.79 -6.18
C ASP B 72 -5.31 -6.85 -4.70
N PHE B 73 -4.35 -7.30 -3.87
CA PHE B 73 -4.57 -7.23 -2.44
C PHE B 73 -4.76 -5.79 -2.00
N ASN B 74 -3.92 -4.88 -2.52
CA ASN B 74 -4.05 -3.47 -2.16
C ASN B 74 -5.42 -2.92 -2.54
N LEU B 75 -5.99 -3.42 -3.63
CA LEU B 75 -7.33 -3.01 -4.05
C LEU B 75 -8.40 -3.43 -3.05
N ILE B 76 -8.31 -4.66 -2.53
CA ILE B 76 -9.23 -5.08 -1.47
C ILE B 76 -9.28 -4.01 -0.38
N VAL B 77 -8.11 -3.55 0.04
CA VAL B 77 -8.01 -2.57 1.12
C VAL B 77 -8.53 -1.21 0.67
N SER B 78 -8.03 -0.72 -0.47
CA SER B 78 -8.34 0.66 -0.86
C SER B 78 -9.80 0.82 -1.26
N ASN B 79 -10.38 -0.19 -1.93
CA ASN B 79 -11.81 -0.12 -2.25
C ASN B 79 -12.63 0.02 -0.98
N CYS B 80 -12.24 -0.70 0.07
CA CYS B 80 -12.98 -0.70 1.32
C CYS B 80 -12.86 0.62 2.04
N LEU B 81 -11.63 1.15 2.11
CA LEU B 81 -11.45 2.49 2.68
C LEU B 81 -12.25 3.53 1.91
N LYS B 82 -12.35 3.36 0.59
CA LYS B 82 -13.00 4.37 -0.23
C LYS B 82 -14.51 4.31 -0.07
N TYR B 83 -15.09 3.10 -0.04
CA TYR B 83 -16.55 3.00 -0.02
C TYR B 83 -17.12 3.32 1.36
N ASN B 84 -16.45 2.89 2.42
CA ASN B 84 -17.04 2.87 3.75
C ASN B 84 -16.58 4.06 4.58
N ALA B 85 -17.49 4.58 5.41
CA ALA B 85 -17.13 5.65 6.32
C ALA B 85 -16.12 5.16 7.34
N LYS B 86 -15.34 6.10 7.88
CA LYS B 86 -14.25 5.73 8.79
C LYS B 86 -14.75 4.99 10.01
N ASP B 87 -15.90 5.39 10.54
CA ASP B 87 -16.44 4.76 11.75
C ASP B 87 -17.38 3.60 11.38
N THR B 88 -16.79 2.61 10.70
CA THR B 88 -17.50 1.37 10.38
C THR B 88 -16.60 0.18 10.67
N ILE B 89 -17.26 -0.97 10.87
CA ILE B 89 -16.54 -2.24 11.00
C ILE B 89 -15.67 -2.50 9.77
N PHE B 90 -16.21 -2.23 8.58
CA PHE B 90 -15.46 -2.56 7.38
C PHE B 90 -14.22 -1.68 7.24
N TYR B 91 -14.35 -0.38 7.48
CA TYR B 91 -13.17 0.49 7.38
C TYR B 91 -12.09 0.08 8.37
N ARG B 92 -12.47 -0.17 9.64
CA ARG B 92 -11.49 -0.56 10.64
C ARG B 92 -10.82 -1.87 10.27
N ALA B 93 -11.59 -2.79 9.68
CA ALA B 93 -11.01 -4.07 9.27
C ALA B 93 -10.03 -3.89 8.13
N ALA B 94 -10.30 -2.97 7.21
CA ALA B 94 -9.38 -2.78 6.09
C ALA B 94 -8.07 -2.19 6.58
N VAL B 95 -8.13 -1.25 7.54
CA VAL B 95 -6.91 -0.70 8.12
C VAL B 95 -6.10 -1.80 8.79
N ARG B 96 -6.77 -2.70 9.52
CA ARG B 96 -6.05 -3.80 10.15
C ARG B 96 -5.48 -4.75 9.11
N LEU B 97 -6.23 -5.01 8.04
CA LEU B 97 -5.73 -5.89 6.99
C LEU B 97 -4.54 -5.27 6.28
N ARG B 98 -4.57 -3.96 6.05
CA ARG B 98 -3.41 -3.29 5.44
C ARG B 98 -2.18 -3.44 6.32
N GLU B 99 -2.35 -3.27 7.63
CA GLU B 99 -1.22 -3.34 8.55
C GLU B 99 -0.69 -4.75 8.65
N GLN B 100 -1.58 -5.72 8.88
CA GLN B 100 -1.13 -7.09 9.09
C GLN B 100 -0.67 -7.73 7.79
N GLY B 101 -1.32 -7.38 6.68
CA GLY B 101 -0.91 -7.90 5.38
C GLY B 101 0.42 -7.38 4.91
N GLY B 102 0.84 -6.21 5.41
CA GLY B 102 2.09 -5.64 4.93
C GLY B 102 3.31 -6.47 5.31
N ALA B 103 3.36 -6.95 6.55
CA ALA B 103 4.50 -7.78 6.93
C ALA B 103 4.50 -9.08 6.13
N VAL B 104 3.31 -9.64 5.89
CA VAL B 104 3.21 -10.85 5.07
C VAL B 104 3.76 -10.59 3.68
N LEU B 105 3.36 -9.47 3.08
CA LEU B 105 3.80 -9.19 1.72
C LEU B 105 5.29 -8.86 1.67
N ARG B 106 5.82 -8.18 2.71
CA ARG B 106 7.24 -7.85 2.70
C ARG B 106 8.10 -9.11 2.64
N GLN B 107 7.82 -10.10 3.51
CA GLN B 107 8.60 -11.33 3.48
C GLN B 107 8.38 -12.08 2.17
N ALA B 108 7.13 -12.15 1.72
CA ALA B 108 6.83 -12.91 0.51
C ALA B 108 7.48 -12.27 -0.70
N ARG B 109 7.46 -10.94 -0.79
N ARG B 109 7.47 -10.94 -0.76
CA ARG B 109 8.06 -10.29 -1.94
CA ARG B 109 8.04 -10.20 -1.88
C ARG B 109 9.56 -10.53 -2.00
C ARG B 109 9.54 -10.43 -1.99
N ARG B 110 10.22 -10.52 -0.84
CA ARG B 110 11.65 -10.79 -0.87
C ARG B 110 11.95 -12.18 -1.41
N GLN B 111 11.07 -13.14 -1.12
CA GLN B 111 11.29 -14.49 -1.64
C GLN B 111 11.05 -14.56 -3.15
N ALA B 112 10.06 -13.81 -3.64
CA ALA B 112 9.77 -13.81 -5.07
C ALA B 112 10.91 -13.18 -5.88
N GLU B 113 11.55 -12.15 -5.34
CA GLU B 113 12.65 -11.50 -6.05
C GLU B 113 13.80 -12.47 -6.28
N LYS B 114 14.08 -13.33 -5.29
CA LYS B 114 15.20 -14.26 -5.38
C LYS B 114 14.97 -15.37 -6.40
N MET B 115 13.73 -15.60 -6.81
CA MET B 115 13.43 -16.66 -7.77
C MET B 115 14.00 -16.34 -9.15
CAA WGX C . -2.87 18.18 10.23
CAB WGX C . -0.32 17.09 5.26
CAG WGX C . -3.35 24.39 5.42
CAH WGX C . -2.51 24.16 6.51
CAI WGX C . -4.41 23.35 7.76
CAJ WGX C . -1.48 20.25 8.76
CAK WGX C . -0.28 19.62 6.36
CAL WGX C . 2.01 23.35 4.15
CAM WGX C . -6.96 24.40 4.67
CAN WGX C . -7.31 23.15 5.46
CAO WGX C . 0.50 23.49 4.17
CAP WGX C . 2.49 23.24 5.59
CAQ WGX C . -5.49 24.36 4.35
CAR WGX C . -6.61 23.27 6.80
CAS WGX C . -0.10 22.20 4.74
CAT WGX C . 1.93 21.98 6.26
CAV WGX C . -4.71 24.11 5.49
CAW WGX C . -5.25 23.58 6.67
CAX WGX C . -0.81 21.25 8.04
CAY WGX C . -3.05 23.64 7.67
CAZ WGX C . -0.19 20.93 6.83
CBA WGX C . -2.23 16.70 8.43
CBB WGX C . -1.61 16.42 7.21
CBC WGX C . -1.56 18.93 8.28
CBD WGX C . -0.94 18.63 7.07
NAU WGX C . -0.70 22.53 8.48
NBE WGX C . 0.50 21.77 6.02
NBF WGX C . -2.19 17.93 8.94
NBG WGX C . -0.98 17.38 6.54
OAC WGX C . -2.81 15.81 9.04
OAD WGX C . -1.64 15.28 6.73
OAE WGX C . -1.58 24.68 9.64
OAF WGX C . -2.81 22.56 10.06
SBH WGX C . -2.03 23.34 9.03
N NO3 D . 23.85 8.35 -3.19
O1 NO3 D . 23.99 9.11 -2.01
O2 NO3 D . 24.70 7.22 -3.40
O3 NO3 D . 22.91 8.69 -4.16
CAA WGX E . -20.36 -2.89 1.51
CAB WGX E . -16.05 -6.23 3.15
CAG WGX E . -22.56 -7.45 7.51
CAH WGX E . -22.89 -7.53 6.15
CAI WGX E . -23.20 -5.14 6.12
CAJ WGX E . -20.82 -5.50 2.49
CAK WGX E . -18.74 -7.10 3.28
CAL WGX E . -19.89 -11.54 4.70
CAM WGX E . -22.60 -4.91 10.21
CAN WGX E . -22.08 -3.78 9.34
CAO WGX E . -20.38 -10.49 5.68
CAP WGX E . -20.56 -11.30 3.37
CAQ WGX E . -22.22 -6.21 9.53
CAR WGX E . -22.90 -3.79 8.06
CAS WGX E . -19.83 -9.14 5.25
CAT WGX E . -20.14 -9.94 2.83
CAV WGX E . -22.56 -6.23 8.18
CAW WGX E . -22.87 -5.05 7.47
CAX WGX E . -21.10 -6.80 2.99
CAY WGX E . -23.20 -6.37 5.47
CAZ WGX E . -20.03 -7.59 3.38
CBA WGX E . -17.98 -3.32 1.86
CBB WGX E . -16.94 -4.14 2.26
CBC WGX E . -19.52 -5.01 2.40
CBD WGX E . -18.47 -5.82 2.80
NAU WGX E . -22.35 -7.31 3.08
NBE WGX E . -20.13 -8.86 3.85
NBF WGX E . -19.25 -3.77 1.94
NBG WGX E . -17.19 -5.37 2.73
OAC WGX E . -17.74 -2.20 1.42
OAD WGX E . -15.78 -3.74 2.19
OAE WGX E . -24.89 -7.22 3.63
OAF WGX E . -23.70 -5.06 3.22
SBH WGX E . -23.59 -6.45 3.81
#